data_3VFL
#
_entry.id   3VFL
#
_cell.length_a   62.357
_cell.length_b   105.332
_cell.length_c   105.510
_cell.angle_alpha   90.00
_cell.angle_beta   90.00
_cell.angle_gamma   90.00
#
_symmetry.space_group_name_H-M   'P 2 21 21'
#
loop_
_entity.id
_entity.type
_entity.pdbx_description
1 polymer 'Dihydrodipicolinate synthase'
2 non-polymer 'POTASSIUM ION'
3 non-polymer GLYCEROL
4 non-polymer '2-(N-MORPHOLINO)-ETHANESULFONIC ACID'
5 water water
#
_entity_poly.entity_id   1
_entity_poly.type   'polypeptide(L)'
_entity_poly.pdbx_seq_one_letter_code
;MSYQDLKECKIITAFITPFHEDGSINFDAIPALIEHLLAHHTDGILLAGTTAESPTLTHDEELELFAAVQKVVNGRVPLI
AGVGTNDTRDSIEFVKEVAEFGGFAAGLAIVPYYNKPSQEGMYQHFKAIADASDLPIIIYNIPGRVVVELTPETMLRLAD
HPNIIGVKECTSLANMAYLIEHKPEEFLIYTGEDGDAFHAMNLGADGVISVASHTNGDEMHEMFTAIAESDMKKAAAIQR
KFIPKVNALFSYPSPAPVKAILNYMGFEAGPTRLPLVPAPEEDVKRIIKVVVDGDYEATKATVTGVLRPDY
;
_entity_poly.pdbx_strand_id   A,B
#
# COMPACT_ATOMS: atom_id res chain seq x y z
N SER A 2 1.66 26.38 8.13
CA SER A 2 1.63 27.29 6.92
C SER A 2 2.85 27.14 6.09
N TYR A 3 2.75 27.62 4.85
CA TYR A 3 3.84 27.73 3.95
C TYR A 3 4.95 28.54 4.60
N GLN A 4 4.57 29.55 5.39
CA GLN A 4 5.56 30.40 6.00
C GLN A 4 6.45 29.67 6.97
N ASP A 5 5.86 28.80 7.80
CA ASP A 5 6.60 28.04 8.82
C ASP A 5 7.67 27.19 8.13
N LEU A 6 7.32 26.62 6.98
CA LEU A 6 8.16 25.67 6.22
C LEU A 6 9.15 26.26 5.22
N LYS A 7 8.84 27.49 4.82
CA LYS A 7 9.55 28.15 3.73
C LYS A 7 11.09 28.06 3.75
N GLU A 8 11.71 28.21 4.93
CA GLU A 8 13.16 28.28 4.99
C GLU A 8 13.77 26.91 5.26
N CYS A 9 12.94 25.88 5.36
CA CYS A 9 13.46 24.57 5.71
C CYS A 9 14.30 24.01 4.55
N LYS A 10 15.47 23.43 4.87
CA LYS A 10 16.26 22.67 3.84
C LYS A 10 16.41 21.20 4.16
N ILE A 11 16.44 20.85 5.45
CA ILE A 11 16.67 19.48 5.83
C ILE A 11 15.54 19.07 6.76
N ILE A 12 14.46 18.53 6.17
CA ILE A 12 13.36 18.04 6.98
C ILE A 12 13.63 16.56 7.27
N THR A 13 13.70 16.16 8.54
CA THR A 13 13.97 14.79 8.82
C THR A 13 12.69 13.99 8.94
N ALA A 14 12.70 12.82 8.32
CA ALA A 14 11.59 11.89 8.53
C ALA A 14 11.78 10.97 9.74
N PHE A 15 11.26 11.36 10.92
CA PHE A 15 11.75 10.79 12.16
C PHE A 15 11.25 9.37 12.31
N ILE A 16 12.17 8.47 12.63
CA ILE A 16 11.88 7.06 13.01
C ILE A 16 10.98 7.04 14.27
N THR A 17 10.52 5.84 14.64
CA THR A 17 9.73 5.56 15.86
C THR A 17 10.57 4.59 16.70
N PRO A 18 11.22 5.08 17.79
CA PRO A 18 12.02 4.09 18.51
C PRO A 18 11.12 2.96 19.13
N PHE A 19 11.55 1.70 19.06
CA PHE A 19 10.84 0.63 19.82
C PHE A 19 11.78 -0.19 20.75
N HIS A 20 11.26 -0.66 21.88
CA HIS A 20 11.91 -1.65 22.81
C HIS A 20 11.94 -3.03 22.24
N GLU A 21 12.75 -3.93 22.81
CA GLU A 21 12.79 -5.32 22.33
C GLU A 21 11.38 -5.88 22.31
N ASP A 22 10.54 -5.13 22.98
CA ASP A 22 9.22 -5.50 23.43
C ASP A 22 8.06 -5.13 22.47
N GLY A 23 8.31 -4.15 21.59
CA GLY A 23 7.40 -3.86 20.50
C GLY A 23 6.74 -2.59 20.84
N SER A 24 6.70 -2.27 22.16
CA SER A 24 6.11 -0.96 22.50
C SER A 24 7.05 0.19 22.08
N ILE A 25 6.50 1.37 21.94
CA ILE A 25 7.27 2.52 21.55
C ILE A 25 8.20 2.88 22.69
N ASN A 26 9.40 3.28 22.34
CA ASN A 26 10.32 3.82 23.36
C ASN A 26 10.28 5.36 23.39
N PHE A 27 9.31 5.90 24.14
CA PHE A 27 9.18 7.33 24.29
C PHE A 27 10.34 7.94 25.05
N ASP A 28 11.08 7.10 25.76
CA ASP A 28 12.25 7.47 26.56
C ASP A 28 13.41 7.91 25.68
N ALA A 29 13.61 7.19 24.59
CA ALA A 29 14.71 7.40 23.62
C ALA A 29 14.43 8.59 22.72
N ILE A 30 13.19 9.09 22.74
CA ILE A 30 12.82 10.23 21.89
C ILE A 30 13.62 11.55 22.12
N PRO A 31 13.69 12.06 23.38
CA PRO A 31 14.48 13.27 23.72
C PRO A 31 15.89 13.34 23.11
N ALA A 32 16.69 12.27 23.31
CA ALA A 32 18.09 12.20 22.80
C ALA A 32 18.13 12.21 21.28
N LEU A 33 17.26 11.41 20.64
CA LEU A 33 17.14 11.45 19.19
C LEU A 33 16.77 12.83 18.65
N ILE A 34 15.68 13.44 19.12
CA ILE A 34 15.30 14.83 18.75
C ILE A 34 16.45 15.83 18.92
N GLU A 35 17.22 15.73 20.01
CA GLU A 35 18.35 16.65 20.26
C GLU A 35 19.41 16.45 19.20
N HIS A 36 19.73 15.20 18.94
CA HIS A 36 20.73 14.88 17.93
C HIS A 36 20.44 15.49 16.59
N LEU A 37 19.15 15.59 16.25
CA LEU A 37 18.74 16.09 14.95
C LEU A 37 18.87 17.60 14.88
N LEU A 38 18.53 18.25 15.98
CA LEU A 38 18.56 19.67 15.90
C LEU A 38 20.00 20.11 16.04
N ALA A 39 20.83 19.22 16.57
CA ALA A 39 22.30 19.44 16.68
C ALA A 39 22.99 19.18 15.38
N HIS A 40 22.34 18.38 14.53
CA HIS A 40 22.97 18.04 13.25
C HIS A 40 22.19 18.54 12.05
N HIS A 41 21.67 19.78 12.19
CA HIS A 41 21.07 20.57 11.06
C HIS A 41 19.75 20.14 10.50
N THR A 42 18.93 19.49 11.32
CA THR A 42 17.54 19.26 10.95
C THR A 42 16.75 20.55 11.14
N ASP A 43 16.09 20.98 10.07
CA ASP A 43 15.42 22.28 9.90
C ASP A 43 13.97 22.15 10.33
N GLY A 44 13.48 20.92 10.28
CA GLY A 44 12.07 20.59 10.42
C GLY A 44 11.91 19.08 10.56
N ILE A 45 10.84 18.64 11.22
CA ILE A 45 10.69 17.23 11.50
C ILE A 45 9.35 16.77 10.89
N LEU A 46 9.43 15.66 10.16
CA LEU A 46 8.22 15.00 9.68
C LEU A 46 7.88 13.87 10.62
N LEU A 47 6.67 13.90 11.20
CA LEU A 47 6.30 12.82 12.12
C LEU A 47 5.37 11.82 11.49
N ALA A 48 5.56 10.54 11.82
CA ALA A 48 4.61 9.47 11.48
C ALA A 48 4.53 9.25 9.97
N GLY A 49 5.68 9.39 9.33
CA GLY A 49 5.80 9.07 7.88
C GLY A 49 6.18 7.63 7.73
N THR A 50 6.56 7.20 6.52
CA THR A 50 7.08 5.83 6.32
C THR A 50 8.22 5.45 7.20
N THR A 51 9.22 6.32 7.24
CA THR A 51 10.39 6.10 8.08
C THR A 51 10.03 5.84 9.52
N ALA A 52 8.87 6.39 9.93
CA ALA A 52 8.32 6.14 11.26
C ALA A 52 7.54 4.84 11.41
N GLU A 53 7.47 4.02 10.34
CA GLU A 53 6.70 2.79 10.35
C GLU A 53 5.25 3.03 10.67
N SER A 54 4.78 4.16 10.20
CA SER A 54 3.40 4.55 10.31
C SER A 54 2.38 3.46 10.02
N PRO A 55 2.63 2.57 9.05
CA PRO A 55 1.65 1.51 8.85
C PRO A 55 1.37 0.66 10.09
N THR A 56 2.32 0.57 11.00
CA THR A 56 2.25 -0.25 12.22
C THR A 56 1.95 0.63 13.50
N LEU A 57 1.93 1.97 13.37
CA LEU A 57 1.54 2.78 14.53
C LEU A 57 0.06 2.89 14.68
N THR A 58 -0.47 2.62 15.86
CA THR A 58 -1.89 2.93 16.01
C THR A 58 -2.28 4.40 15.99
N HIS A 59 -3.59 4.63 15.81
CA HIS A 59 -4.14 5.96 15.89
C HIS A 59 -3.74 6.65 17.13
N ASP A 60 -3.83 5.95 18.26
CA ASP A 60 -3.55 6.57 19.53
C ASP A 60 -2.05 6.65 19.67
N GLU A 61 -1.30 5.73 19.06
CA GLU A 61 0.15 5.86 19.12
C GLU A 61 0.74 7.04 18.33
N GLU A 62 0.07 7.46 17.27
CA GLU A 62 0.54 8.59 16.52
C GLU A 62 0.31 9.86 17.29
N LEU A 63 -0.84 9.91 17.96
CA LEU A 63 -1.16 10.99 18.86
C LEU A 63 -0.14 11.05 20.01
N GLU A 64 0.24 9.91 20.60
CA GLU A 64 1.32 9.94 21.62
C GLU A 64 2.62 10.50 21.11
N LEU A 65 3.07 10.00 19.97
CA LEU A 65 4.24 10.50 19.26
C LEU A 65 4.20 12.04 19.01
N PHE A 66 3.09 12.61 18.54
CA PHE A 66 3.11 14.05 18.22
C PHE A 66 3.30 14.88 19.50
N ALA A 67 2.73 14.39 20.62
CA ALA A 67 2.77 15.12 21.90
C ALA A 67 4.17 14.99 22.39
N ALA A 68 4.70 13.77 22.34
CA ALA A 68 6.02 13.49 22.88
C ALA A 68 7.12 14.27 22.17
N VAL A 69 6.95 14.50 20.86
CA VAL A 69 7.95 15.22 20.07
C VAL A 69 7.76 16.71 20.19
N GLN A 70 6.54 17.21 20.15
CA GLN A 70 6.31 18.64 20.38
C GLN A 70 6.72 19.13 21.79
N LYS A 71 6.61 18.25 22.79
CA LYS A 71 7.04 18.60 24.10
C LYS A 71 8.52 18.81 23.98
N VAL A 72 9.25 17.80 23.50
CA VAL A 72 10.72 17.84 23.40
C VAL A 72 11.26 18.80 22.34
N VAL A 73 10.43 19.34 21.44
CA VAL A 73 11.02 20.23 20.42
C VAL A 73 10.75 21.62 20.96
N ASN A 74 9.76 21.65 21.81
CA ASN A 74 9.19 22.87 22.33
C ASN A 74 9.25 24.07 21.40
N GLY A 75 8.70 23.96 20.18
CA GLY A 75 8.68 25.11 19.23
C GLY A 75 9.94 25.32 18.43
N ARG A 76 11.00 24.54 18.63
CA ARG A 76 12.29 25.00 18.02
C ARG A 76 12.38 24.91 16.50
N VAL A 77 11.71 23.93 15.87
CA VAL A 77 11.74 23.78 14.39
C VAL A 77 10.30 23.51 13.95
N PRO A 78 9.92 23.84 12.71
CA PRO A 78 8.54 23.46 12.41
C PRO A 78 8.36 21.93 12.17
N LEU A 79 7.10 21.47 12.23
CA LEU A 79 6.76 20.05 12.21
C LEU A 79 5.72 19.74 11.15
N ILE A 80 5.78 18.53 10.58
CA ILE A 80 4.76 18.06 9.64
C ILE A 80 4.21 16.70 10.10
N ALA A 81 2.90 16.51 10.11
CA ALA A 81 2.37 15.27 10.54
C ALA A 81 2.00 14.46 9.30
N GLY A 82 2.26 13.16 9.36
CA GLY A 82 1.86 12.23 8.29
C GLY A 82 0.41 11.99 8.54
N VAL A 83 -0.46 12.42 7.63
CA VAL A 83 -1.89 12.21 7.83
C VAL A 83 -2.63 11.30 6.82
N GLY A 84 -2.12 11.16 5.58
CA GLY A 84 -2.87 10.43 4.56
C GLY A 84 -2.70 8.92 4.62
N THR A 85 -3.78 8.24 4.28
CA THR A 85 -3.75 6.82 4.06
C THR A 85 -4.35 6.67 2.67
N ASN A 86 -4.69 5.44 2.29
CA ASN A 86 -5.19 5.18 0.93
C ASN A 86 -6.70 5.25 0.99
N ASP A 87 -7.26 5.69 2.13
CA ASP A 87 -8.71 5.96 2.29
C ASP A 87 -8.96 7.42 2.45
N THR A 88 -9.77 8.01 1.58
CA THR A 88 -9.98 9.44 1.63
C THR A 88 -10.74 9.93 2.90
N ARG A 89 -11.83 9.25 3.24
CA ARG A 89 -12.51 9.50 4.50
C ARG A 89 -11.60 9.38 5.76
N ASP A 90 -10.88 8.28 5.95
CA ASP A 90 -9.93 8.17 7.08
C ASP A 90 -8.91 9.29 7.08
N SER A 91 -8.48 9.73 5.87
CA SER A 91 -7.56 10.87 5.72
C SER A 91 -8.23 12.23 6.09
N ILE A 92 -9.47 12.48 5.60
CA ILE A 92 -10.29 13.62 6.06
C ILE A 92 -10.41 13.66 7.60
N GLU A 93 -10.84 12.56 8.19
CA GLU A 93 -10.99 12.50 9.65
C GLU A 93 -9.68 12.74 10.44
N PHE A 94 -8.59 12.05 10.09
CA PHE A 94 -7.31 12.22 10.82
C PHE A 94 -6.71 13.63 10.70
N VAL A 95 -6.80 14.23 9.51
CA VAL A 95 -6.27 15.57 9.33
C VAL A 95 -7.08 16.65 10.10
N LYS A 96 -8.40 16.52 10.12
CA LYS A 96 -9.27 17.54 10.78
C LYS A 96 -8.90 17.40 12.24
N GLU A 97 -8.78 16.16 12.66
CA GLU A 97 -8.26 15.85 14.00
C GLU A 97 -6.87 16.39 14.33
N VAL A 98 -5.96 16.33 13.36
CA VAL A 98 -4.60 16.84 13.57
C VAL A 98 -4.60 18.36 13.49
N ALA A 99 -5.49 18.95 12.68
CA ALA A 99 -5.70 20.40 12.76
C ALA A 99 -6.07 20.79 14.21
N GLU A 100 -7.13 20.19 14.76
CA GLU A 100 -7.50 20.44 16.16
C GLU A 100 -6.32 20.34 17.11
N PHE A 101 -5.52 19.27 16.94
CA PHE A 101 -4.51 18.81 17.92
C PHE A 101 -3.54 19.96 18.05
N GLY A 102 -3.08 20.50 16.91
CA GLY A 102 -2.11 21.62 16.81
C GLY A 102 -0.63 21.36 16.85
N GLY A 103 0.15 22.40 16.55
CA GLY A 103 1.60 22.33 16.59
C GLY A 103 2.25 21.94 15.27
N PHE A 104 1.45 21.75 14.22
CA PHE A 104 1.95 21.31 12.91
C PHE A 104 1.83 22.43 11.89
N ALA A 105 2.87 22.55 11.11
CA ALA A 105 2.90 23.47 9.99
C ALA A 105 2.20 22.92 8.70
N ALA A 106 1.90 21.61 8.66
CA ALA A 106 1.39 20.94 7.43
C ALA A 106 1.18 19.44 7.70
N GLY A 107 0.27 18.85 6.95
CA GLY A 107 -0.05 17.47 7.04
C GLY A 107 0.52 16.85 5.78
N LEU A 108 1.08 15.66 5.90
CA LEU A 108 1.63 15.09 4.67
C LEU A 108 0.75 13.96 4.31
N ALA A 109 0.50 13.83 3.02
CA ALA A 109 -0.50 12.92 2.48
C ALA A 109 0.11 12.21 1.25
N ILE A 110 0.26 10.91 1.37
CA ILE A 110 0.87 10.09 0.28
C ILE A 110 -0.15 9.81 -0.80
N VAL A 111 0.32 9.74 -2.03
CA VAL A 111 -0.53 9.19 -3.12
C VAL A 111 -1.05 7.83 -2.71
N PRO A 112 -2.38 7.55 -2.79
CA PRO A 112 -2.87 6.29 -2.21
C PRO A 112 -2.14 5.01 -2.72
N TYR A 113 -1.68 4.16 -1.79
CA TYR A 113 -0.99 2.88 -2.14
C TYR A 113 -2.02 1.74 -2.33
N TYR A 114 -1.61 0.63 -2.93
CA TYR A 114 -2.51 -0.56 -3.02
C TYR A 114 -3.72 -0.48 -4.00
N ASN A 115 -4.58 0.53 -3.85
CA ASN A 115 -5.86 0.61 -4.66
C ASN A 115 -5.65 1.30 -6.01
N LYS A 116 -4.45 1.91 -6.20
CA LYS A 116 -3.99 2.36 -7.50
C LYS A 116 -4.96 3.32 -8.21
N PRO A 117 -5.29 4.47 -7.55
CA PRO A 117 -6.30 5.32 -8.24
C PRO A 117 -5.80 5.98 -9.52
N SER A 118 -6.74 6.34 -10.40
CA SER A 118 -6.41 7.25 -11.56
C SER A 118 -6.03 8.67 -11.13
N GLN A 119 -5.60 9.51 -12.11
CA GLN A 119 -5.26 10.88 -11.83
C GLN A 119 -6.52 11.61 -11.24
N GLU A 120 -7.69 11.31 -11.76
CA GLU A 120 -8.91 12.07 -11.28
C GLU A 120 -9.17 11.66 -9.89
N GLY A 121 -8.98 10.34 -9.67
CA GLY A 121 -9.12 9.80 -8.35
C GLY A 121 -8.21 10.48 -7.35
N MET A 122 -6.92 10.60 -7.69
CA MET A 122 -5.94 11.25 -6.80
C MET A 122 -6.34 12.71 -6.56
N TYR A 123 -6.80 13.38 -7.63
CA TYR A 123 -7.15 14.81 -7.62
C TYR A 123 -8.28 15.02 -6.58
N GLN A 124 -9.39 14.29 -6.77
CA GLN A 124 -10.55 14.32 -5.86
C GLN A 124 -10.14 13.90 -4.46
N HIS A 125 -9.23 12.93 -4.33
CA HIS A 125 -8.62 12.53 -3.01
C HIS A 125 -7.98 13.71 -2.33
N PHE A 126 -7.05 14.39 -2.98
CA PHE A 126 -6.25 15.27 -2.22
C PHE A 126 -7.03 16.56 -2.00
N LYS A 127 -7.93 16.86 -2.94
CA LYS A 127 -8.84 18.03 -2.86
C LYS A 127 -9.64 17.89 -1.57
N ALA A 128 -10.19 16.70 -1.34
CA ALA A 128 -11.01 16.45 -0.20
C ALA A 128 -10.24 16.62 1.09
N ILE A 129 -8.98 16.17 1.13
CA ILE A 129 -8.17 16.33 2.31
C ILE A 129 -7.69 17.77 2.52
N ALA A 130 -7.33 18.46 1.44
CA ALA A 130 -7.04 19.87 1.47
C ALA A 130 -8.28 20.70 1.93
N ASP A 131 -9.47 20.26 1.50
CA ASP A 131 -10.70 20.99 1.82
C ASP A 131 -11.02 20.88 3.29
N ALA A 132 -10.59 19.78 3.90
CA ALA A 132 -11.18 19.30 5.15
C ALA A 132 -10.88 20.05 6.46
N SER A 133 -9.76 20.80 6.49
CA SER A 133 -9.07 21.15 7.72
C SER A 133 -8.33 22.48 7.52
N ASP A 134 -7.90 23.06 8.66
CA ASP A 134 -7.05 24.28 8.75
C ASP A 134 -5.64 23.93 8.33
N LEU A 135 -5.23 22.67 8.57
CA LEU A 135 -3.88 22.20 8.29
C LEU A 135 -3.60 22.06 6.77
N PRO A 136 -2.67 22.89 6.22
CA PRO A 136 -2.45 22.65 4.78
C PRO A 136 -1.71 21.34 4.51
N ILE A 137 -1.70 20.93 3.25
CA ILE A 137 -1.28 19.60 2.90
C ILE A 137 -0.01 19.64 2.04
N ILE A 138 0.85 18.65 2.26
CA ILE A 138 1.95 18.45 1.33
C ILE A 138 1.77 17.02 0.75
N ILE A 139 1.78 16.92 -0.55
CA ILE A 139 1.59 15.64 -1.24
C ILE A 139 2.91 14.86 -1.32
N TYR A 140 2.86 13.55 -1.09
CA TYR A 140 4.04 12.71 -1.19
C TYR A 140 3.79 11.78 -2.37
N ASN A 141 4.38 12.11 -3.49
CA ASN A 141 4.34 11.35 -4.71
C ASN A 141 5.56 10.38 -4.87
N ILE A 142 5.28 9.08 -4.81
CA ILE A 142 6.35 8.08 -4.71
C ILE A 142 6.00 6.71 -5.31
N PRO A 143 5.97 6.62 -6.64
CA PRO A 143 5.54 5.34 -7.31
C PRO A 143 6.43 4.16 -6.86
N GLY A 144 7.63 4.44 -6.34
CA GLY A 144 8.53 3.41 -5.93
C GLY A 144 8.00 2.66 -4.71
N ARG A 145 7.06 3.26 -3.99
CA ARG A 145 6.35 2.65 -2.89
C ARG A 145 4.85 2.45 -3.19
N VAL A 146 4.30 3.28 -4.06
CA VAL A 146 2.83 3.21 -4.25
C VAL A 146 2.32 2.70 -5.62
N VAL A 147 3.27 2.31 -6.50
CA VAL A 147 3.07 1.99 -7.96
C VAL A 147 2.67 3.20 -8.87
N VAL A 148 1.47 3.76 -8.65
CA VAL A 148 0.98 4.87 -9.38
C VAL A 148 1.69 6.14 -8.96
N GLU A 149 1.52 7.16 -9.78
CA GLU A 149 2.00 8.52 -9.48
C GLU A 149 1.13 9.61 -10.06
N LEU A 150 1.13 10.78 -9.37
CA LEU A 150 0.62 12.01 -9.96
C LEU A 150 1.56 12.48 -11.02
N THR A 151 1.00 12.75 -12.19
CA THR A 151 1.70 13.41 -13.26
C THR A 151 1.91 14.91 -12.85
N PRO A 152 2.84 15.58 -13.51
CA PRO A 152 3.08 16.98 -13.17
C PRO A 152 1.82 17.81 -13.41
N GLU A 153 1.04 17.44 -14.41
CA GLU A 153 -0.12 18.20 -14.77
C GLU A 153 -1.15 18.10 -13.63
N THR A 154 -1.32 16.91 -13.06
CA THR A 154 -2.29 16.74 -11.98
C THR A 154 -1.77 17.44 -10.74
N MET A 155 -0.46 17.35 -10.57
CA MET A 155 0.16 17.84 -9.39
C MET A 155 0.01 19.40 -9.38
N LEU A 156 0.25 20.02 -10.50
CA LEU A 156 0.10 21.48 -10.63
C LEU A 156 -1.37 21.88 -10.59
N ARG A 157 -2.28 21.05 -11.05
CA ARG A 157 -3.71 21.31 -10.75
C ARG A 157 -3.93 21.43 -9.23
N LEU A 158 -3.26 20.58 -8.43
CA LEU A 158 -3.51 20.58 -7.05
C LEU A 158 -2.83 21.73 -6.35
N ALA A 159 -1.60 22.04 -6.76
CA ALA A 159 -0.78 23.10 -6.25
C ALA A 159 -1.56 24.42 -6.22
N ASP A 160 -2.54 24.57 -7.11
CA ASP A 160 -3.41 25.77 -7.10
C ASP A 160 -4.39 25.87 -5.96
N HIS A 161 -4.67 24.76 -5.29
CA HIS A 161 -5.50 24.76 -4.07
C HIS A 161 -4.79 25.56 -3.03
N PRO A 162 -5.49 26.54 -2.39
CA PRO A 162 -4.93 27.32 -1.29
C PRO A 162 -4.42 26.50 -0.14
N ASN A 163 -4.93 25.30 0.06
CA ASN A 163 -4.53 24.62 1.24
C ASN A 163 -3.54 23.51 0.91
N ILE A 164 -2.99 23.56 -0.28
CA ILE A 164 -1.98 22.60 -0.67
C ILE A 164 -0.71 23.37 -0.89
N ILE A 165 0.24 23.20 0.00
CA ILE A 165 1.35 24.13 -0.03
C ILE A 165 2.65 23.54 -0.57
N GLY A 166 2.65 22.24 -0.92
CA GLY A 166 3.91 21.63 -1.41
C GLY A 166 3.83 20.16 -1.87
N VAL A 167 5.01 19.62 -2.22
CA VAL A 167 5.14 18.22 -2.65
C VAL A 167 6.47 17.60 -2.25
N LYS A 168 6.44 16.36 -1.76
CA LYS A 168 7.66 15.61 -1.48
C LYS A 168 7.67 14.68 -2.69
N GLU A 169 8.44 15.07 -3.68
CA GLU A 169 8.52 14.41 -5.03
C GLU A 169 9.68 13.39 -5.11
N CYS A 170 9.39 12.15 -5.53
CA CYS A 170 10.36 11.11 -5.66
C CYS A 170 10.03 10.48 -6.99
N THR A 171 10.21 11.25 -8.08
CA THR A 171 10.01 10.62 -9.39
C THR A 171 11.28 10.77 -10.18
N SER A 172 11.28 11.65 -11.16
CA SER A 172 12.52 11.91 -11.86
C SER A 172 12.93 13.39 -11.73
N LEU A 173 14.23 13.66 -11.93
CA LEU A 173 14.70 15.04 -11.97
C LEU A 173 14.08 15.84 -13.15
N ALA A 174 13.76 15.19 -14.30
CA ALA A 174 12.94 15.89 -15.34
C ALA A 174 11.61 16.40 -14.73
N ASN A 175 10.94 15.54 -13.93
CA ASN A 175 9.64 15.91 -13.39
C ASN A 175 9.86 17.03 -12.42
N MET A 176 10.90 16.90 -11.60
CA MET A 176 11.19 17.90 -10.59
C MET A 176 11.49 19.23 -11.18
N ALA A 177 12.25 19.23 -12.28
CA ALA A 177 12.61 20.46 -12.98
C ALA A 177 11.31 21.14 -13.36
N TYR A 178 10.42 20.37 -13.96
CA TYR A 178 9.15 20.89 -14.43
C TYR A 178 8.28 21.57 -13.37
N LEU A 179 8.20 20.93 -12.20
CA LEU A 179 7.44 21.42 -11.09
C LEU A 179 8.03 22.71 -10.58
N ILE A 180 9.36 22.76 -10.48
CA ILE A 180 10.01 23.98 -10.01
C ILE A 180 9.75 25.06 -11.05
N GLU A 181 9.84 24.68 -12.32
CA GLU A 181 9.57 25.68 -13.38
C GLU A 181 8.10 26.26 -13.39
N HIS A 182 7.10 25.47 -13.04
CA HIS A 182 5.71 25.91 -13.19
C HIS A 182 5.00 26.05 -11.93
N LYS A 183 5.73 26.08 -10.84
CA LYS A 183 5.04 26.02 -9.58
C LYS A 183 4.17 27.33 -9.45
N PRO A 184 3.00 27.23 -8.81
CA PRO A 184 2.42 28.53 -8.45
C PRO A 184 3.13 29.09 -7.21
N GLU A 185 2.72 30.25 -6.74
CA GLU A 185 3.38 30.81 -5.56
C GLU A 185 2.98 30.10 -4.28
N GLU A 186 3.78 30.22 -3.22
CA GLU A 186 3.48 29.63 -1.89
C GLU A 186 3.40 28.09 -2.06
N PHE A 187 4.20 27.57 -2.99
CA PHE A 187 4.25 26.11 -3.20
C PHE A 187 5.70 25.63 -3.21
N LEU A 188 5.96 24.72 -2.28
CA LEU A 188 7.24 24.18 -1.90
C LEU A 188 7.54 22.77 -2.57
N ILE A 189 8.76 22.60 -3.08
CA ILE A 189 9.17 21.33 -3.78
C ILE A 189 10.32 20.69 -3.03
N TYR A 190 10.03 19.57 -2.39
CA TYR A 190 11.05 18.81 -1.64
C TYR A 190 11.36 17.52 -2.42
N THR A 191 12.64 17.12 -2.53
CA THR A 191 12.89 15.75 -3.00
C THR A 191 12.65 14.88 -1.78
N GLY A 192 12.14 13.66 -1.95
CA GLY A 192 12.17 12.66 -0.88
C GLY A 192 13.26 11.63 -1.18
N GLU A 193 14.20 11.94 -2.08
CA GLU A 193 15.31 11.03 -2.38
C GLU A 193 16.65 11.63 -1.87
N ASP A 194 17.22 11.08 -0.78
CA ASP A 194 18.56 11.55 -0.28
C ASP A 194 19.62 11.52 -1.44
N GLY A 195 19.63 10.44 -2.20
CA GLY A 195 20.68 10.29 -3.25
C GLY A 195 20.59 11.29 -4.39
N ASP A 196 19.45 12.00 -4.49
CA ASP A 196 19.22 13.11 -5.49
C ASP A 196 19.29 14.51 -4.91
N ALA A 197 19.31 14.62 -3.60
CA ALA A 197 19.18 15.93 -2.99
C ALA A 197 20.11 16.95 -3.62
N PHE A 198 21.34 16.52 -3.92
CA PHE A 198 22.28 17.40 -4.61
C PHE A 198 21.70 18.01 -5.88
N HIS A 199 21.21 17.17 -6.76
CA HIS A 199 20.67 17.58 -8.06
C HIS A 199 19.43 18.42 -7.94
N ALA A 200 18.55 18.01 -7.00
CA ALA A 200 17.27 18.70 -6.70
C ALA A 200 17.61 20.12 -6.21
N MET A 201 18.52 20.25 -5.26
CA MET A 201 18.92 21.60 -4.87
C MET A 201 19.48 22.51 -5.96
N ASN A 202 20.34 21.96 -6.86
CA ASN A 202 20.92 22.69 -7.99
C ASN A 202 19.88 23.16 -8.94
N LEU A 203 18.85 22.35 -9.11
CA LEU A 203 17.72 22.64 -9.95
C LEU A 203 16.74 23.67 -9.38
N GLY A 204 16.91 24.05 -8.09
CA GLY A 204 15.98 25.03 -7.54
C GLY A 204 14.91 24.43 -6.65
N ALA A 205 15.12 23.23 -6.07
CA ALA A 205 14.23 22.74 -5.03
C ALA A 205 14.46 23.39 -3.67
N ASP A 206 13.40 23.42 -2.88
CA ASP A 206 13.43 23.99 -1.51
C ASP A 206 14.13 23.20 -0.46
N GLY A 207 14.42 21.92 -0.73
CA GLY A 207 14.85 21.14 0.35
C GLY A 207 14.73 19.65 0.17
N VAL A 208 15.11 18.93 1.24
CA VAL A 208 14.95 17.49 1.29
C VAL A 208 14.14 17.02 2.51
N ILE A 209 13.26 16.05 2.28
CA ILE A 209 12.63 15.35 3.38
C ILE A 209 13.36 14.05 3.47
N SER A 210 14.10 13.88 4.57
CA SER A 210 15.34 13.02 4.59
C SER A 210 15.26 11.86 5.51
N VAL A 211 15.89 10.76 5.12
CA VAL A 211 16.25 9.69 6.05
C VAL A 211 17.69 9.87 6.52
N ALA A 212 18.59 10.09 5.55
CA ALA A 212 20.06 10.11 5.81
C ALA A 212 20.42 11.26 6.81
N SER A 213 19.53 12.24 6.93
CA SER A 213 19.77 13.30 7.90
C SER A 213 19.91 12.79 9.35
N HIS A 214 19.38 11.59 9.69
CA HIS A 214 19.59 10.99 11.01
C HIS A 214 21.06 10.73 11.29
N THR A 215 21.83 10.39 10.30
CA THR A 215 23.11 9.85 10.70
C THR A 215 24.18 10.63 9.97
N ASN A 216 23.80 11.44 8.97
CA ASN A 216 24.78 12.22 8.15
C ASN A 216 24.36 13.66 7.90
N GLY A 217 23.66 14.22 8.87
CA GLY A 217 23.13 15.55 8.76
C GLY A 217 24.19 16.61 8.47
N ASP A 218 25.39 16.48 9.07
CA ASP A 218 26.48 17.45 8.83
C ASP A 218 26.97 17.51 7.40
N GLU A 219 27.36 16.33 6.89
CA GLU A 219 27.85 16.34 5.55
C GLU A 219 26.79 16.78 4.54
N MET A 220 25.53 16.54 4.86
CA MET A 220 24.44 17.03 4.07
C MET A 220 24.37 18.55 4.18
N HIS A 221 24.48 19.07 5.39
CA HIS A 221 24.56 20.57 5.57
C HIS A 221 25.67 21.16 4.75
N GLU A 222 26.85 20.55 4.92
CA GLU A 222 28.05 20.95 4.18
C GLU A 222 27.86 21.02 2.66
N MET A 223 27.14 20.04 2.07
CA MET A 223 26.92 19.99 0.63
C MET A 223 25.96 21.11 0.23
N PHE A 224 24.86 21.27 1.00
CA PHE A 224 23.86 22.32 0.73
C PHE A 224 24.44 23.72 0.87
N THR A 225 25.21 23.96 1.92
CA THR A 225 25.89 25.25 2.06
C THR A 225 26.72 25.49 0.81
N ALA A 226 27.53 24.50 0.39
CA ALA A 226 28.32 24.64 -0.84
C ALA A 226 27.48 25.07 -2.05
N ILE A 227 26.32 24.44 -2.25
CA ILE A 227 25.45 24.86 -3.36
C ILE A 227 25.06 26.35 -3.19
N ALA A 228 24.55 26.68 -2.01
CA ALA A 228 24.15 28.05 -1.72
C ALA A 228 25.30 29.06 -1.85
N GLU A 229 26.47 28.75 -1.27
CA GLU A 229 27.68 29.62 -1.37
C GLU A 229 28.46 29.42 -2.69
N SER A 230 27.86 28.74 -3.68
CA SER A 230 28.42 28.63 -5.03
C SER A 230 29.78 27.90 -5.15
N ASP A 231 30.13 27.05 -4.20
CA ASP A 231 31.31 26.20 -4.31
C ASP A 231 30.82 24.84 -4.90
N MET A 232 30.62 24.75 -6.21
CA MET A 232 30.17 23.48 -6.81
C MET A 232 31.15 22.28 -6.71
N LYS A 233 32.45 22.57 -6.67
CA LYS A 233 33.46 21.50 -6.54
C LYS A 233 33.45 20.76 -5.20
N LYS A 234 33.24 21.49 -4.10
CA LYS A 234 33.05 20.90 -2.80
C LYS A 234 31.68 20.20 -2.78
N ALA A 235 30.66 20.81 -3.37
CA ALA A 235 29.31 20.22 -3.27
C ALA A 235 29.26 18.82 -3.92
N ALA A 236 29.93 18.68 -5.06
CA ALA A 236 29.95 17.45 -5.90
C ALA A 236 30.87 16.44 -5.28
N ALA A 237 31.97 16.90 -4.64
CA ALA A 237 32.81 15.98 -3.94
C ALA A 237 32.09 15.27 -2.80
N ILE A 238 31.35 16.04 -1.99
CA ILE A 238 30.48 15.48 -0.95
C ILE A 238 29.40 14.53 -1.56
N GLN A 239 28.87 14.91 -2.69
CA GLN A 239 27.77 14.17 -3.35
C GLN A 239 28.30 12.82 -3.78
N ARG A 240 29.46 12.84 -4.43
CA ARG A 240 30.03 11.60 -4.86
C ARG A 240 30.32 10.58 -3.77
N LYS A 241 30.74 11.06 -2.60
CA LYS A 241 30.96 10.16 -1.49
C LYS A 241 29.62 9.90 -0.68
N PHE A 242 28.67 10.80 -0.82
CA PHE A 242 27.41 10.69 -0.18
C PHE A 242 26.62 9.52 -0.81
N ILE A 243 26.68 9.37 -2.13
CA ILE A 243 25.79 8.33 -2.78
C ILE A 243 25.98 6.91 -2.16
N PRO A 244 27.21 6.40 -2.05
CA PRO A 244 27.22 5.03 -1.45
C PRO A 244 26.65 4.98 -0.03
N LYS A 245 26.68 6.06 0.75
CA LYS A 245 26.04 6.01 2.11
C LYS A 245 24.51 5.88 1.98
N VAL A 246 23.96 6.70 1.08
CA VAL A 246 22.50 6.64 0.81
C VAL A 246 22.17 5.22 0.47
N ASN A 247 22.94 4.60 -0.45
CA ASN A 247 22.63 3.22 -0.90
C ASN A 247 22.70 2.23 0.26
N ALA A 248 23.62 2.43 1.21
CA ALA A 248 23.67 1.48 2.34
C ALA A 248 22.48 1.65 3.28
N LEU A 249 22.04 2.89 3.40
CA LEU A 249 20.87 3.22 4.27
C LEU A 249 19.56 2.65 3.73
N PHE A 250 19.55 2.40 2.42
CA PHE A 250 18.45 1.69 1.79
C PHE A 250 18.75 0.29 1.28
N SER A 251 19.91 -0.28 1.63
CA SER A 251 20.33 -1.64 1.20
C SER A 251 19.55 -2.71 1.97
N TYR A 252 18.80 -2.38 3.00
CA TYR A 252 17.84 -3.38 3.52
C TYR A 252 16.60 -2.56 3.70
N PRO A 253 15.39 -3.15 3.78
CA PRO A 253 14.21 -2.26 3.84
C PRO A 253 14.19 -1.21 4.96
N SER A 254 14.03 0.04 4.56
CA SER A 254 14.23 1.18 5.48
C SER A 254 12.98 1.19 6.35
N PRO A 255 13.07 1.50 7.66
CA PRO A 255 14.19 2.08 8.35
C PRO A 255 15.08 1.08 9.01
N ALA A 256 15.04 -0.22 8.68
CA ALA A 256 16.05 -1.10 9.26
C ALA A 256 17.54 -0.51 9.23
N PRO A 257 18.10 -0.04 8.09
CA PRO A 257 19.53 0.30 8.14
C PRO A 257 19.79 1.52 9.01
N VAL A 258 18.85 2.44 9.00
CA VAL A 258 19.06 3.68 9.78
C VAL A 258 18.94 3.39 11.28
N LYS A 259 17.96 2.53 11.65
CA LYS A 259 17.82 2.11 13.04
C LYS A 259 19.10 1.38 13.52
N ALA A 260 19.68 0.51 12.70
CA ALA A 260 20.85 -0.25 13.11
C ALA A 260 22.05 0.66 13.40
N ILE A 261 22.17 1.75 12.62
CA ILE A 261 23.23 2.79 12.78
C ILE A 261 22.92 3.63 14.02
N LEU A 262 21.63 3.97 14.18
CA LEU A 262 21.18 4.77 15.33
C LEU A 262 21.34 3.93 16.65
N ASN A 263 21.34 2.59 16.48
CA ASN A 263 21.56 1.60 17.57
C ASN A 263 23.04 1.54 17.94
N TYR A 264 23.92 1.47 16.95
CA TYR A 264 25.37 1.59 17.16
C TYR A 264 25.77 2.93 17.84
N MET A 265 25.15 4.02 17.42
CA MET A 265 25.34 5.37 17.97
C MET A 265 24.74 5.61 19.35
N GLY A 266 23.97 4.67 19.85
CA GLY A 266 23.70 4.66 21.28
C GLY A 266 22.31 5.16 21.55
N PHE A 267 21.54 5.36 20.48
CA PHE A 267 20.17 5.94 20.58
C PHE A 267 18.98 5.01 20.82
N GLU A 268 19.27 3.69 20.99
CA GLU A 268 18.29 2.60 21.22
C GLU A 268 17.08 2.73 20.23
N ALA A 269 17.34 2.78 18.93
CA ALA A 269 16.20 2.84 18.04
C ALA A 269 15.43 1.53 18.09
N GLY A 270 16.15 0.45 18.42
CA GLY A 270 15.59 -0.82 18.73
C GLY A 270 15.30 -1.40 17.35
N PRO A 271 14.35 -2.34 17.33
CA PRO A 271 14.06 -3.10 16.16
C PRO A 271 12.94 -2.40 15.39
N THR A 272 12.49 -3.09 14.36
CA THR A 272 11.34 -2.70 13.57
C THR A 272 10.12 -3.61 13.93
N ARG A 273 8.92 -3.05 13.79
CA ARG A 273 7.70 -3.78 13.93
C ARG A 273 7.39 -4.57 12.62
N LEU A 274 7.06 -5.84 12.76
CA LEU A 274 6.63 -6.60 11.58
C LEU A 274 5.52 -5.88 10.80
N PRO A 275 5.54 -6.00 9.45
CA PRO A 275 6.30 -6.92 8.63
C PRO A 275 7.74 -6.53 8.34
N LEU A 276 8.25 -5.44 8.91
CA LEU A 276 9.69 -5.19 8.71
C LEU A 276 10.47 -5.98 9.73
N VAL A 277 11.62 -6.50 9.30
CA VAL A 277 12.56 -7.06 10.25
C VAL A 277 13.86 -6.27 10.26
N PRO A 278 14.60 -6.36 11.40
CA PRO A 278 15.85 -5.66 11.42
C PRO A 278 16.82 -6.18 10.35
N ALA A 279 17.81 -5.36 10.02
CA ALA A 279 18.93 -5.78 9.13
C ALA A 279 19.70 -6.98 9.68
N PRO A 280 20.03 -7.98 8.83
CA PRO A 280 20.95 -9.05 9.24
C PRO A 280 22.31 -8.49 9.75
N GLU A 281 22.79 -9.03 10.88
CA GLU A 281 24.15 -8.75 11.44
C GLU A 281 25.28 -8.48 10.43
N GLU A 282 25.40 -9.38 9.47
CA GLU A 282 26.39 -9.34 8.41
C GLU A 282 26.26 -8.08 7.52
N ASP A 283 25.01 -7.72 7.23
CA ASP A 283 24.73 -6.41 6.58
C ASP A 283 24.95 -5.27 7.57
N VAL A 284 24.68 -5.51 8.87
CA VAL A 284 24.73 -4.43 9.88
C VAL A 284 26.15 -3.79 9.97
N LYS A 285 27.18 -4.62 9.88
CA LYS A 285 28.58 -4.15 9.99
C LYS A 285 29.02 -3.34 8.74
N ARG A 286 28.75 -3.94 7.57
CA ARG A 286 29.06 -3.30 6.28
C ARG A 286 28.42 -1.90 6.26
N ILE A 287 27.16 -1.82 6.70
CA ILE A 287 26.35 -0.59 6.68
C ILE A 287 26.90 0.52 7.59
N ILE A 288 27.17 0.17 8.85
CA ILE A 288 27.76 1.14 9.82
C ILE A 288 29.10 1.62 9.27
N LYS A 289 29.93 0.69 8.77
CA LYS A 289 31.21 1.04 8.16
C LYS A 289 31.00 2.05 7.03
N VAL A 290 30.24 1.64 6.02
CA VAL A 290 29.97 2.52 4.88
C VAL A 290 29.32 3.89 5.22
N VAL A 291 28.29 3.93 6.06
CA VAL A 291 27.56 5.21 6.30
C VAL A 291 28.24 6.13 7.33
N VAL A 292 28.63 5.58 8.48
CA VAL A 292 29.30 6.44 9.48
C VAL A 292 30.74 6.07 9.77
N ASP A 293 31.35 5.24 8.91
CA ASP A 293 32.70 4.76 9.12
C ASP A 293 32.99 4.33 10.57
N GLY A 294 31.97 3.76 11.19
CA GLY A 294 32.13 3.08 12.46
C GLY A 294 32.55 1.65 12.21
N ASP A 295 33.12 1.02 13.25
CA ASP A 295 33.45 -0.41 13.20
C ASP A 295 32.55 -1.17 14.18
N TYR A 296 31.83 -2.13 13.61
CA TYR A 296 30.79 -2.82 14.33
C TYR A 296 31.33 -4.17 14.73
N GLU A 297 31.33 -4.38 16.03
CA GLU A 297 31.96 -5.55 16.59
C GLU A 297 30.77 -6.49 16.84
N ALA A 298 30.53 -7.28 15.80
CA ALA A 298 29.33 -8.10 15.61
C ALA A 298 29.11 -9.22 16.67
N THR A 299 27.91 -9.81 16.68
CA THR A 299 27.69 -11.16 17.31
C THR A 299 26.56 -11.93 16.61
N THR A 302 16.53 -16.08 12.64
CA THR A 302 17.85 -15.51 13.07
C THR A 302 17.74 -14.03 13.49
N VAL A 303 17.02 -13.20 12.72
CA VAL A 303 16.80 -11.80 13.10
C VAL A 303 15.27 -11.69 13.26
N THR A 304 14.82 -11.01 14.31
CA THR A 304 13.39 -11.02 14.65
C THR A 304 12.72 -9.62 14.57
N GLY A 305 11.60 -9.51 13.88
CA GLY A 305 10.79 -8.30 13.97
C GLY A 305 9.82 -8.49 15.12
N VAL A 306 9.24 -7.41 15.61
CA VAL A 306 8.53 -7.41 16.88
C VAL A 306 7.11 -6.99 16.59
N LEU A 307 6.18 -7.37 17.46
CA LEU A 307 4.80 -6.97 17.40
C LEU A 307 4.46 -6.06 18.56
N ARG A 308 3.59 -5.11 18.27
CA ARG A 308 3.15 -4.24 19.34
C ARG A 308 2.27 -5.01 20.31
N PRO A 309 2.50 -4.81 21.62
CA PRO A 309 1.83 -5.61 22.65
C PRO A 309 0.35 -5.88 22.45
N ASP A 310 0.05 -7.17 22.57
CA ASP A 310 -1.28 -7.77 22.59
C ASP A 310 -2.17 -7.30 23.78
N TYR A 311 -1.68 -6.39 24.61
CA TYR A 311 -2.26 -6.15 25.92
C TYR A 311 -1.89 -4.73 26.37
N SER B 2 -11.23 -24.91 5.28
CA SER B 2 -10.02 -25.74 5.19
C SER B 2 -9.70 -25.92 3.71
N TYR B 3 -8.55 -26.54 3.48
CA TYR B 3 -8.19 -27.07 2.18
C TYR B 3 -9.33 -27.89 1.52
N GLN B 4 -9.91 -28.84 2.28
CA GLN B 4 -11.10 -29.60 1.79
C GLN B 4 -12.14 -28.72 1.15
N ASP B 5 -12.57 -27.70 1.88
CA ASP B 5 -13.64 -26.87 1.50
C ASP B 5 -13.40 -26.26 0.11
N LEU B 6 -12.14 -25.91 -0.18
CA LEU B 6 -11.87 -25.15 -1.40
C LEU B 6 -11.27 -25.99 -2.50
N LYS B 7 -11.14 -27.30 -2.26
CA LYS B 7 -10.34 -28.11 -3.15
C LYS B 7 -10.89 -28.06 -4.55
N GLU B 8 -12.21 -27.94 -4.60
CA GLU B 8 -12.97 -28.09 -5.81
C GLU B 8 -13.24 -26.82 -6.57
N CYS B 9 -13.00 -25.68 -5.94
CA CYS B 9 -13.31 -24.40 -6.58
C CYS B 9 -12.42 -24.16 -7.82
N LYS B 10 -13.06 -23.72 -8.89
CA LYS B 10 -12.39 -23.34 -10.12
C LYS B 10 -12.50 -21.87 -10.30
N ILE B 11 -13.66 -21.33 -9.96
CA ILE B 11 -13.91 -19.90 -10.14
C ILE B 11 -14.36 -19.31 -8.80
N ILE B 12 -13.44 -18.65 -8.13
CA ILE B 12 -13.75 -18.03 -6.87
C ILE B 12 -13.79 -16.57 -7.20
N THR B 13 -14.89 -15.91 -6.91
CA THR B 13 -15.07 -14.52 -7.42
C THR B 13 -14.72 -13.54 -6.33
N ALA B 14 -14.03 -12.46 -6.77
CA ALA B 14 -13.56 -11.40 -5.87
C ALA B 14 -14.63 -10.36 -5.74
N PHE B 15 -15.60 -10.59 -4.84
CA PHE B 15 -16.89 -9.90 -4.91
C PHE B 15 -16.81 -8.39 -4.68
N ILE B 16 -17.45 -7.56 -5.54
CA ILE B 16 -17.55 -6.09 -5.38
C ILE B 16 -18.25 -5.75 -4.03
N THR B 17 -18.24 -4.48 -3.66
CA THR B 17 -19.13 -4.00 -2.56
C THR B 17 -19.97 -2.99 -3.22
N PRO B 18 -21.30 -3.25 -3.34
CA PRO B 18 -22.15 -2.24 -3.90
C PRO B 18 -22.28 -1.07 -2.94
N PHE B 19 -22.20 0.15 -3.51
CA PHE B 19 -22.31 1.41 -2.77
C PHE B 19 -23.47 2.21 -3.31
N HIS B 20 -24.08 3.01 -2.43
CA HIS B 20 -25.20 3.87 -2.74
C HIS B 20 -24.57 5.10 -3.27
N GLU B 21 -25.33 5.94 -3.95
CA GLU B 21 -24.83 7.23 -4.42
C GLU B 21 -24.35 8.05 -3.24
N ASP B 22 -24.90 7.89 -2.04
CA ASP B 22 -24.40 8.64 -0.88
C ASP B 22 -23.15 8.04 -0.21
N GLY B 23 -22.72 6.86 -0.69
CA GLY B 23 -21.44 6.34 -0.24
C GLY B 23 -21.56 5.31 0.86
N SER B 24 -22.79 5.04 1.30
CA SER B 24 -23.02 3.94 2.25
C SER B 24 -23.04 2.62 1.49
N ILE B 25 -22.80 1.53 2.17
CA ILE B 25 -23.00 0.24 1.47
C ILE B 25 -24.45 0.05 0.91
N ASN B 26 -24.64 -0.31 -0.38
CA ASN B 26 -25.98 -0.77 -0.85
C ASN B 26 -26.19 -2.23 -0.54
N PHE B 27 -26.66 -2.49 0.69
CA PHE B 27 -26.88 -3.86 1.20
C PHE B 27 -28.03 -4.54 0.47
N ASP B 28 -28.92 -3.73 -0.06
CA ASP B 28 -30.06 -4.24 -0.83
C ASP B 28 -29.66 -4.95 -2.10
N ALA B 29 -28.48 -4.62 -2.66
CA ALA B 29 -28.10 -5.13 -3.98
C ALA B 29 -27.40 -6.47 -3.87
N ILE B 30 -27.10 -6.85 -2.65
CA ILE B 30 -26.22 -8.00 -2.45
C ILE B 30 -26.84 -9.34 -2.83
N PRO B 31 -28.09 -9.62 -2.35
CA PRO B 31 -28.77 -10.84 -2.76
C PRO B 31 -28.87 -11.05 -4.27
N ALA B 32 -29.18 -10.01 -5.02
CA ALA B 32 -29.34 -10.19 -6.51
C ALA B 32 -28.01 -10.44 -7.18
N LEU B 33 -27.02 -9.66 -6.75
CA LEU B 33 -25.67 -9.82 -7.30
C LEU B 33 -25.11 -11.22 -7.07
N ILE B 34 -25.17 -11.72 -5.83
CA ILE B 34 -24.78 -13.07 -5.40
C ILE B 34 -25.43 -14.26 -6.14
N GLU B 35 -26.76 -14.14 -6.31
CA GLU B 35 -27.51 -15.18 -6.98
C GLU B 35 -27.02 -15.27 -8.42
N HIS B 36 -26.77 -14.09 -8.99
CA HIS B 36 -26.22 -13.92 -10.31
C HIS B 36 -24.88 -14.60 -10.45
N LEU B 37 -24.03 -14.55 -9.39
CA LEU B 37 -22.70 -15.22 -9.44
C LEU B 37 -22.88 -16.78 -9.45
N LEU B 38 -23.75 -17.26 -8.57
CA LEU B 38 -23.94 -18.71 -8.35
C LEU B 38 -24.71 -19.32 -9.52
N ALA B 39 -25.43 -18.46 -10.19
CA ALA B 39 -26.10 -18.70 -11.46
C ALA B 39 -25.09 -18.79 -12.64
N HIS B 40 -23.91 -18.20 -12.46
CA HIS B 40 -22.93 -18.10 -13.54
C HIS B 40 -21.56 -18.67 -13.22
N HIS B 41 -21.58 -19.77 -12.46
CA HIS B 41 -20.44 -20.64 -12.29
C HIS B 41 -19.40 -20.15 -11.31
N THR B 42 -19.73 -19.16 -10.49
CA THR B 42 -18.98 -18.87 -9.27
C THR B 42 -19.10 -20.08 -8.30
N ASP B 43 -18.00 -20.76 -7.98
CA ASP B 43 -17.85 -21.94 -7.08
C ASP B 43 -17.45 -21.57 -5.64
N GLY B 44 -17.14 -20.32 -5.41
CA GLY B 44 -16.52 -19.86 -4.19
C GLY B 44 -16.38 -18.35 -4.19
N ILE B 45 -16.48 -17.72 -3.03
CA ILE B 45 -16.51 -16.23 -3.08
C ILE B 45 -15.54 -15.67 -2.10
N LEU B 46 -14.88 -14.59 -2.51
CA LEU B 46 -13.86 -13.93 -1.67
C LEU B 46 -14.48 -12.59 -1.34
N LEU B 47 -14.63 -12.33 -0.06
CA LEU B 47 -15.23 -11.10 0.36
C LEU B 47 -14.24 -10.13 0.92
N ALA B 48 -14.40 -8.86 0.62
CA ALA B 48 -13.47 -7.78 1.10
C ALA B 48 -12.00 -7.93 0.65
N GLY B 49 -11.81 -8.49 -0.53
CA GLY B 49 -10.54 -8.43 -1.26
C GLY B 49 -10.35 -7.00 -1.79
N THR B 50 -9.41 -6.81 -2.74
CA THR B 50 -9.20 -5.52 -3.42
C THR B 50 -10.38 -5.01 -4.21
N THR B 51 -11.08 -5.91 -4.89
CA THR B 51 -12.19 -5.61 -5.72
C THR B 51 -13.36 -5.13 -4.89
N ALA B 52 -13.44 -5.55 -3.65
CA ALA B 52 -14.41 -4.97 -2.69
C ALA B 52 -14.15 -3.58 -2.17
N GLU B 53 -13.03 -3.01 -2.62
CA GLU B 53 -12.52 -1.72 -2.11
C GLU B 53 -12.27 -1.77 -0.60
N SER B 54 -11.88 -2.93 -0.12
CA SER B 54 -11.37 -3.08 1.26
C SER B 54 -10.58 -1.93 1.87
N PRO B 55 -9.69 -1.22 1.14
CA PRO B 55 -9.03 -0.08 1.81
C PRO B 55 -10.07 0.92 2.30
N THR B 56 -11.24 0.94 1.65
CA THR B 56 -12.29 1.92 2.01
C THR B 56 -13.42 1.40 2.95
N LEU B 57 -13.41 0.10 3.27
CA LEU B 57 -14.40 -0.46 4.17
C LEU B 57 -13.95 -0.46 5.62
N THR B 58 -14.75 0.07 6.55
CA THR B 58 -14.36 0.03 7.97
C THR B 58 -14.38 -1.42 8.50
N HIS B 59 -13.73 -1.63 9.64
CA HIS B 59 -13.83 -2.91 10.37
C HIS B 59 -15.27 -3.47 10.45
N ASP B 60 -16.23 -2.63 10.86
CA ASP B 60 -17.61 -3.08 11.09
C ASP B 60 -18.32 -3.35 9.80
N GLU B 61 -18.08 -2.49 8.79
CA GLU B 61 -18.63 -2.69 7.47
C GLU B 61 -18.16 -4.05 6.97
N GLU B 62 -16.89 -4.38 7.12
CA GLU B 62 -16.47 -5.65 6.55
C GLU B 62 -17.26 -6.73 7.24
N LEU B 63 -17.36 -6.67 8.57
CA LEU B 63 -18.16 -7.68 9.32
C LEU B 63 -19.63 -7.83 8.86
N GLU B 64 -20.22 -6.69 8.47
CA GLU B 64 -21.61 -6.59 8.08
C GLU B 64 -21.72 -7.10 6.65
N LEU B 65 -20.69 -6.93 5.83
CA LEU B 65 -20.73 -7.60 4.57
C LEU B 65 -20.67 -9.10 4.69
N PHE B 66 -19.79 -9.62 5.55
CA PHE B 66 -19.63 -11.02 5.80
C PHE B 66 -20.98 -11.67 6.26
N ALA B 67 -21.76 -10.91 7.05
CA ALA B 67 -23.16 -11.30 7.48
C ALA B 67 -24.06 -11.43 6.29
N ALA B 68 -24.15 -10.34 5.53
CA ALA B 68 -25.11 -10.23 4.50
C ALA B 68 -24.82 -11.41 3.55
N VAL B 69 -23.59 -11.46 3.04
CA VAL B 69 -23.21 -12.45 2.08
C VAL B 69 -23.45 -13.89 2.58
N GLN B 70 -23.04 -14.21 3.81
CA GLN B 70 -23.21 -15.54 4.39
C GLN B 70 -24.69 -15.90 4.54
N LYS B 71 -25.52 -14.89 4.78
CA LYS B 71 -26.94 -15.13 5.01
C LYS B 71 -27.48 -15.56 3.67
N VAL B 72 -27.23 -14.78 2.62
CA VAL B 72 -27.60 -15.15 1.26
C VAL B 72 -27.00 -16.47 0.79
N VAL B 73 -25.70 -16.67 1.02
CA VAL B 73 -25.01 -17.85 0.51
C VAL B 73 -25.48 -19.16 1.16
N ASN B 74 -25.57 -19.13 2.50
CA ASN B 74 -26.22 -20.20 3.24
C ASN B 74 -25.45 -21.50 3.13
N GLY B 75 -24.13 -21.44 2.97
CA GLY B 75 -23.31 -22.60 2.71
C GLY B 75 -23.35 -23.26 1.31
N ARG B 76 -24.00 -22.64 0.33
CA ARG B 76 -23.96 -23.13 -1.06
C ARG B 76 -22.55 -23.21 -1.67
N VAL B 77 -21.68 -22.22 -1.35
CA VAL B 77 -20.25 -22.26 -1.73
C VAL B 77 -19.35 -21.88 -0.52
N PRO B 78 -18.07 -22.28 -0.52
CA PRO B 78 -17.16 -21.80 0.53
C PRO B 78 -16.78 -20.32 0.38
N LEU B 79 -16.35 -19.69 1.49
CA LEU B 79 -16.13 -18.28 1.54
C LEU B 79 -14.73 -18.01 2.01
N ILE B 80 -14.21 -16.89 1.50
CA ILE B 80 -12.87 -16.42 1.84
C ILE B 80 -13.02 -14.97 2.23
N ALA B 81 -12.41 -14.63 3.35
CA ALA B 81 -12.45 -13.30 3.91
C ALA B 81 -11.08 -12.69 3.68
N GLY B 82 -11.06 -11.43 3.21
CA GLY B 82 -9.82 -10.65 3.18
C GLY B 82 -9.48 -10.30 4.61
N VAL B 83 -8.32 -10.74 5.11
CA VAL B 83 -7.98 -10.46 6.50
C VAL B 83 -6.66 -9.67 6.65
N GLY B 84 -5.74 -9.80 5.69
CA GLY B 84 -4.44 -9.21 5.87
C GLY B 84 -4.36 -7.74 5.49
N THR B 85 -3.54 -6.99 6.19
CA THR B 85 -3.12 -5.68 5.78
C THR B 85 -1.61 -5.58 5.91
N ASN B 86 -1.06 -4.38 5.84
CA ASN B 86 0.36 -4.23 5.88
C ASN B 86 0.87 -4.05 7.33
N ASP B 87 -0.02 -4.24 8.28
CA ASP B 87 0.43 -4.27 9.67
C ASP B 87 0.25 -5.66 10.22
N THR B 88 1.33 -6.26 10.74
CA THR B 88 1.24 -7.67 11.15
C THR B 88 0.36 -7.87 12.35
N ARG B 89 0.48 -6.98 13.34
CA ARG B 89 -0.44 -7.11 14.51
C ARG B 89 -1.95 -7.05 14.14
N ASP B 90 -2.37 -6.06 13.33
CA ASP B 90 -3.79 -5.90 12.87
C ASP B 90 -4.26 -7.12 12.15
N SER B 91 -3.40 -7.63 11.29
CA SER B 91 -3.77 -8.83 10.58
C SER B 91 -4.03 -10.01 11.51
N ILE B 92 -3.17 -10.19 12.51
CA ILE B 92 -3.35 -11.24 13.58
C ILE B 92 -4.67 -11.05 14.29
N GLU B 93 -4.93 -9.83 14.72
CA GLU B 93 -6.15 -9.55 15.50
C GLU B 93 -7.36 -9.76 14.59
N PHE B 94 -7.27 -9.43 13.30
CA PHE B 94 -8.45 -9.60 12.47
C PHE B 94 -8.66 -11.10 12.09
N VAL B 95 -7.61 -11.87 11.82
CA VAL B 95 -7.83 -13.28 11.48
C VAL B 95 -8.44 -14.05 12.65
N LYS B 96 -8.19 -13.58 13.86
CA LYS B 96 -8.78 -14.20 15.05
C LYS B 96 -10.23 -13.88 15.08
N GLU B 97 -10.55 -12.58 14.97
CA GLU B 97 -11.93 -12.16 14.93
C GLU B 97 -12.73 -12.84 13.80
N VAL B 98 -12.11 -13.03 12.65
CA VAL B 98 -12.80 -13.76 11.57
C VAL B 98 -13.00 -15.29 11.86
N ALA B 99 -12.02 -15.92 12.49
CA ALA B 99 -12.05 -17.36 12.79
C ALA B 99 -13.22 -17.55 13.72
N GLU B 100 -13.17 -16.81 14.82
CA GLU B 100 -14.32 -16.57 15.69
C GLU B 100 -15.64 -16.32 14.95
N PHE B 101 -15.72 -15.31 14.07
CA PHE B 101 -16.95 -15.08 13.26
C PHE B 101 -17.48 -16.33 12.60
N GLY B 102 -16.59 -17.21 12.09
CA GLY B 102 -16.98 -18.48 11.47
C GLY B 102 -17.67 -18.43 10.11
N GLY B 103 -17.73 -19.59 9.48
CA GLY B 103 -18.36 -19.71 8.17
C GLY B 103 -17.36 -19.44 7.05
N PHE B 104 -16.06 -19.24 7.36
CA PHE B 104 -15.02 -19.03 6.32
C PHE B 104 -14.13 -20.18 6.24
N ALA B 105 -13.95 -20.69 5.02
CA ALA B 105 -12.99 -21.72 4.71
C ALA B 105 -11.55 -21.17 4.82
N ALA B 106 -11.35 -19.89 4.56
CA ALA B 106 -9.99 -19.35 4.67
C ALA B 106 -10.04 -17.86 4.78
N GLY B 107 -8.90 -17.32 5.16
CA GLY B 107 -8.57 -15.89 5.08
C GLY B 107 -7.43 -15.64 4.08
N LEU B 108 -7.61 -14.56 3.32
CA LEU B 108 -6.64 -14.14 2.30
C LEU B 108 -5.83 -13.02 2.91
N ALA B 109 -4.49 -13.12 2.79
CA ALA B 109 -3.58 -12.12 3.39
C ALA B 109 -2.65 -11.65 2.28
N ILE B 110 -2.71 -10.36 2.00
CA ILE B 110 -1.88 -9.81 0.91
C ILE B 110 -0.44 -9.60 1.33
N VAL B 111 0.49 -9.66 0.39
CA VAL B 111 1.88 -9.29 0.74
C VAL B 111 1.83 -7.77 1.07
N PRO B 112 2.47 -7.38 2.17
CA PRO B 112 2.35 -6.01 2.64
C PRO B 112 2.72 -4.98 1.56
N TYR B 113 1.81 -4.02 1.42
CA TYR B 113 1.97 -2.85 0.52
C TYR B 113 2.58 -1.65 1.29
N TYR B 114 3.16 -0.71 0.51
CA TYR B 114 3.73 0.53 1.06
C TYR B 114 5.10 0.39 1.80
N ASN B 115 5.15 -0.46 2.84
CA ASN B 115 6.36 -0.58 3.70
C ASN B 115 7.43 -1.53 3.12
N LYS B 116 7.10 -2.24 2.05
CA LYS B 116 8.19 -2.98 1.25
C LYS B 116 9.10 -3.84 2.09
N PRO B 117 8.51 -4.85 2.74
CA PRO B 117 9.30 -5.70 3.61
C PRO B 117 10.28 -6.54 2.82
N SER B 118 11.33 -7.05 3.49
CA SER B 118 12.25 -8.01 2.88
C SER B 118 11.57 -9.35 2.81
N GLN B 119 12.17 -10.36 2.14
CA GLN B 119 11.56 -11.73 2.20
C GLN B 119 11.38 -12.20 3.66
N GLU B 120 12.41 -11.98 4.46
CA GLU B 120 12.38 -12.52 5.85
C GLU B 120 11.28 -11.83 6.62
N GLY B 121 11.06 -10.57 6.31
CA GLY B 121 9.98 -9.86 6.92
C GLY B 121 8.59 -10.41 6.53
N MET B 122 8.49 -10.87 5.28
CA MET B 122 7.30 -11.39 4.72
C MET B 122 7.06 -12.75 5.37
N TYR B 123 8.14 -13.51 5.59
CA TYR B 123 7.97 -14.83 6.19
C TYR B 123 7.42 -14.63 7.61
N GLN B 124 8.02 -13.74 8.41
CA GLN B 124 7.57 -13.55 9.79
C GLN B 124 6.14 -13.04 9.90
N HIS B 125 5.77 -12.15 8.99
CA HIS B 125 4.45 -11.68 8.81
C HIS B 125 3.43 -12.79 8.59
N PHE B 126 3.62 -13.56 7.50
CA PHE B 126 2.70 -14.63 7.17
C PHE B 126 2.68 -15.82 8.16
N LYS B 127 3.85 -16.21 8.66
CA LYS B 127 3.91 -17.15 9.78
C LYS B 127 3.03 -16.66 10.91
N ALA B 128 3.08 -15.39 11.28
CA ALA B 128 2.38 -15.01 12.53
C ALA B 128 0.86 -15.07 12.29
N ILE B 129 0.44 -14.64 11.11
CA ILE B 129 -0.95 -14.73 10.75
C ILE B 129 -1.44 -16.18 10.71
N ALA B 130 -0.61 -17.11 10.25
CA ALA B 130 -1.06 -18.50 10.08
C ALA B 130 -1.09 -19.22 11.48
N ASP B 131 -0.21 -18.77 12.37
CA ASP B 131 -0.16 -19.15 13.80
C ASP B 131 -1.32 -18.61 14.68
N ALA B 132 -2.07 -17.63 14.21
CA ALA B 132 -2.95 -16.85 15.08
C ALA B 132 -4.33 -17.45 15.42
N SER B 133 -4.75 -18.45 14.66
CA SER B 133 -6.18 -18.69 14.56
C SER B 133 -6.45 -20.07 13.95
N ASP B 134 -7.69 -20.52 14.04
CA ASP B 134 -8.14 -21.77 13.41
C ASP B 134 -8.13 -21.69 11.88
N LEU B 135 -8.20 -20.44 11.42
CA LEU B 135 -8.65 -20.13 10.08
C LEU B 135 -7.49 -20.27 9.10
N PRO B 136 -7.68 -21.03 8.03
CA PRO B 136 -6.47 -21.20 7.25
C PRO B 136 -6.18 -19.98 6.36
N ILE B 137 -4.93 -19.88 5.89
CA ILE B 137 -4.43 -18.69 5.20
C ILE B 137 -4.11 -19.00 3.73
N ILE B 138 -4.58 -18.10 2.84
CA ILE B 138 -4.12 -18.02 1.45
C ILE B 138 -3.34 -16.70 1.26
N ILE B 139 -2.10 -16.81 0.75
CA ILE B 139 -1.26 -15.66 0.53
C ILE B 139 -1.66 -14.95 -0.78
N TYR B 140 -1.64 -13.63 -0.80
CA TYR B 140 -1.85 -12.92 -2.10
C TYR B 140 -0.59 -12.18 -2.53
N ASN B 141 0.05 -12.65 -3.62
CA ASN B 141 1.32 -12.14 -4.11
C ASN B 141 1.08 -11.36 -5.42
N ILE B 142 1.25 -10.06 -5.34
CA ILE B 142 0.86 -9.17 -6.43
C ILE B 142 1.71 -7.92 -6.36
N PRO B 143 2.91 -8.03 -6.92
CA PRO B 143 3.88 -6.98 -6.98
C PRO B 143 3.36 -5.78 -7.86
N GLY B 144 2.42 -6.02 -8.77
CA GLY B 144 1.79 -4.93 -9.57
C GLY B 144 0.92 -4.05 -8.67
N ARG B 145 0.55 -4.57 -7.49
CA ARG B 145 -0.14 -3.69 -6.52
C ARG B 145 0.69 -3.21 -5.35
N VAL B 146 1.62 -4.04 -4.93
CA VAL B 146 2.30 -3.81 -3.66
C VAL B 146 3.84 -3.60 -3.77
N VAL B 147 4.34 -3.64 -5.01
CA VAL B 147 5.76 -3.41 -5.38
C VAL B 147 6.65 -4.64 -5.13
N VAL B 148 6.67 -5.12 -3.89
CA VAL B 148 7.59 -6.21 -3.57
C VAL B 148 6.93 -7.46 -3.89
N GLU B 149 7.68 -8.53 -3.93
CA GLU B 149 6.99 -9.86 -4.09
C GLU B 149 7.63 -11.00 -3.30
N LEU B 150 6.84 -12.03 -2.95
CA LEU B 150 7.40 -13.26 -2.37
C LEU B 150 8.06 -13.94 -3.50
N THR B 151 9.31 -14.37 -3.29
CA THR B 151 9.94 -15.20 -4.27
C THR B 151 9.21 -16.59 -4.12
N PRO B 152 9.27 -17.44 -5.12
CA PRO B 152 8.79 -18.82 -4.94
C PRO B 152 9.42 -19.48 -3.72
N GLU B 153 10.72 -19.26 -3.52
CA GLU B 153 11.47 -19.91 -2.46
C GLU B 153 10.84 -19.63 -1.09
N THR B 154 10.60 -18.35 -0.73
CA THR B 154 9.90 -17.97 0.49
C THR B 154 8.49 -18.49 0.50
N MET B 155 7.83 -18.41 -0.65
CA MET B 155 6.49 -18.98 -0.80
C MET B 155 6.41 -20.49 -0.39
N LEU B 156 7.37 -21.26 -0.85
CA LEU B 156 7.38 -22.67 -0.51
C LEU B 156 7.70 -23.00 0.96
N ARG B 157 8.58 -22.23 1.60
CA ARG B 157 8.76 -22.22 3.02
C ARG B 157 7.43 -22.04 3.70
N LEU B 158 6.71 -20.94 3.42
CA LEU B 158 5.35 -20.77 3.94
C LEU B 158 4.34 -21.89 3.61
N ALA B 159 4.38 -22.43 2.35
CA ALA B 159 3.52 -23.53 1.95
C ALA B 159 3.58 -24.66 2.97
N ASP B 160 4.75 -24.86 3.60
CA ASP B 160 4.91 -25.84 4.71
C ASP B 160 4.21 -25.59 6.00
N HIS B 161 3.88 -24.36 6.32
CA HIS B 161 3.08 -24.14 7.49
C HIS B 161 1.80 -24.91 7.35
N PRO B 162 1.47 -25.83 8.32
CA PRO B 162 0.19 -26.53 8.15
C PRO B 162 -1.07 -25.65 8.17
N ASN B 163 -0.99 -24.39 8.55
CA ASN B 163 -2.22 -23.55 8.42
C ASN B 163 -2.17 -22.58 7.23
N ILE B 164 -1.25 -22.77 6.33
CA ILE B 164 -1.24 -21.96 5.10
C ILE B 164 -1.60 -22.93 3.96
N ILE B 165 -2.73 -22.71 3.30
CA ILE B 165 -3.25 -23.72 2.35
C ILE B 165 -3.30 -23.22 0.89
N GLY B 166 -2.85 -22.01 0.59
CA GLY B 166 -2.52 -21.73 -0.83
C GLY B 166 -2.10 -20.32 -1.17
N VAL B 167 -2.09 -20.02 -2.46
CA VAL B 167 -1.62 -18.70 -2.89
C VAL B 167 -2.49 -18.18 -3.99
N LYS B 168 -2.80 -16.90 -3.93
CA LYS B 168 -3.32 -16.21 -5.14
C LYS B 168 -2.09 -15.49 -5.76
N GLU B 169 -1.64 -16.05 -6.87
CA GLU B 169 -0.40 -15.71 -7.40
C GLU B 169 -0.53 -14.83 -8.65
N CYS B 170 0.02 -13.61 -8.58
CA CYS B 170 0.06 -12.63 -9.72
C CYS B 170 1.50 -12.17 -10.05
N THR B 171 2.33 -13.09 -10.52
CA THR B 171 3.71 -12.75 -10.78
C THR B 171 3.98 -13.09 -12.20
N SER B 172 4.38 -14.32 -12.52
CA SER B 172 4.66 -14.70 -13.89
C SER B 172 4.27 -16.16 -14.03
N LEU B 173 4.13 -16.64 -15.27
CA LEU B 173 3.74 -18.01 -15.50
C LEU B 173 4.90 -18.90 -15.13
N ALA B 174 6.13 -18.40 -15.30
CA ALA B 174 7.39 -19.06 -14.90
C ALA B 174 7.33 -19.39 -13.39
N ASN B 175 7.01 -18.40 -12.59
CA ASN B 175 6.78 -18.63 -11.14
C ASN B 175 5.63 -19.58 -10.80
N MET B 176 4.53 -19.46 -11.54
CA MET B 176 3.37 -20.21 -11.30
C MET B 176 3.66 -21.69 -11.64
N ALA B 177 4.37 -21.96 -12.72
CA ALA B 177 4.83 -23.31 -13.04
C ALA B 177 5.66 -23.91 -11.90
N TYR B 178 6.53 -23.10 -11.30
CA TYR B 178 7.52 -23.61 -10.33
C TYR B 178 6.80 -23.98 -9.04
N LEU B 179 5.82 -23.17 -8.71
CA LEU B 179 5.03 -23.39 -7.55
C LEU B 179 4.15 -24.63 -7.64
N ILE B 180 3.52 -24.82 -8.79
CA ILE B 180 2.76 -26.06 -9.09
C ILE B 180 3.70 -27.26 -8.98
N GLU B 181 4.88 -27.13 -9.56
CA GLU B 181 5.80 -28.22 -9.51
C GLU B 181 6.29 -28.62 -8.12
N HIS B 182 6.47 -27.65 -7.25
CA HIS B 182 7.07 -27.96 -5.97
C HIS B 182 6.16 -27.85 -4.81
N LYS B 183 4.89 -27.73 -5.12
CA LYS B 183 3.91 -27.43 -4.09
C LYS B 183 3.85 -28.61 -3.07
N PRO B 184 3.67 -28.34 -1.78
CA PRO B 184 3.46 -29.55 -0.98
C PRO B 184 2.01 -29.96 -1.06
N GLU B 185 1.64 -30.93 -0.24
CA GLU B 185 0.27 -31.43 -0.11
C GLU B 185 -0.63 -30.41 0.52
N GLU B 186 -1.89 -30.38 0.08
CA GLU B 186 -2.93 -29.55 0.69
C GLU B 186 -2.54 -28.04 0.50
N PHE B 187 -2.11 -27.69 -0.72
CA PHE B 187 -1.72 -26.33 -1.01
C PHE B 187 -2.28 -25.95 -2.37
N LEU B 188 -3.20 -24.98 -2.39
CA LEU B 188 -3.91 -24.61 -3.61
C LEU B 188 -3.21 -23.43 -4.31
N ILE B 189 -3.22 -23.48 -5.63
CA ILE B 189 -2.56 -22.47 -6.42
C ILE B 189 -3.62 -21.84 -7.34
N TYR B 190 -4.01 -20.63 -7.01
CA TYR B 190 -4.83 -19.83 -7.80
C TYR B 190 -4.02 -18.79 -8.56
N THR B 191 -4.38 -18.62 -9.80
CA THR B 191 -4.04 -17.36 -10.43
C THR B 191 -4.99 -16.26 -9.99
N GLY B 192 -4.47 -15.05 -9.85
CA GLY B 192 -5.30 -13.88 -9.62
C GLY B 192 -5.43 -12.99 -10.88
N GLU B 193 -5.08 -13.52 -12.03
CA GLU B 193 -4.96 -12.72 -13.25
C GLU B 193 -5.94 -13.36 -14.26
N ASP B 194 -7.16 -12.79 -14.35
CA ASP B 194 -8.17 -13.33 -15.35
C ASP B 194 -7.56 -13.56 -16.76
N GLY B 195 -6.66 -12.66 -17.17
CA GLY B 195 -5.96 -12.72 -18.52
C GLY B 195 -5.15 -13.98 -18.75
N ASP B 196 -4.67 -14.58 -17.68
CA ASP B 196 -3.67 -15.62 -17.77
CA ASP B 196 -3.73 -15.68 -17.81
C ASP B 196 -4.27 -16.96 -17.24
N ALA B 197 -5.52 -16.90 -16.80
CA ALA B 197 -6.28 -18.08 -16.29
C ALA B 197 -6.22 -19.28 -17.23
N PHE B 198 -6.47 -19.08 -18.54
CA PHE B 198 -6.21 -20.12 -19.57
C PHE B 198 -4.82 -20.80 -19.34
N HIS B 199 -3.77 -20.02 -19.12
CA HIS B 199 -2.40 -20.53 -19.13
C HIS B 199 -2.14 -21.23 -17.81
N ALA B 200 -2.65 -20.59 -16.75
CA ALA B 200 -2.57 -21.07 -15.43
C ALA B 200 -3.28 -22.40 -15.34
N MET B 201 -4.52 -22.50 -15.81
CA MET B 201 -5.17 -23.81 -15.75
C MET B 201 -4.43 -24.87 -16.59
N ASN B 202 -4.02 -24.51 -17.80
CA ASN B 202 -3.20 -25.37 -18.61
C ASN B 202 -2.00 -25.93 -17.90
N LEU B 203 -1.32 -25.06 -17.10
CA LEU B 203 -0.08 -25.37 -16.41
C LEU B 203 -0.22 -26.25 -15.13
N GLY B 204 -1.48 -26.39 -14.72
CA GLY B 204 -1.97 -27.24 -13.61
C GLY B 204 -2.46 -26.47 -12.39
N ALA B 205 -2.88 -25.21 -12.54
CA ALA B 205 -3.44 -24.48 -11.39
C ALA B 205 -4.74 -25.09 -10.85
N ASP B 206 -5.14 -24.69 -9.64
CA ASP B 206 -6.43 -25.11 -9.09
C ASP B 206 -7.61 -24.24 -9.49
N GLY B 207 -7.33 -23.01 -9.88
CA GLY B 207 -8.32 -22.16 -10.51
C GLY B 207 -7.95 -20.69 -10.51
N VAL B 208 -8.97 -19.84 -10.57
CA VAL B 208 -8.82 -18.37 -10.68
C VAL B 208 -9.59 -17.60 -9.58
N ILE B 209 -8.96 -16.58 -9.00
CA ILE B 209 -9.72 -15.71 -8.16
C ILE B 209 -9.90 -14.45 -9.02
N SER B 210 -11.14 -14.25 -9.44
CA SER B 210 -11.51 -13.52 -10.61
C SER B 210 -12.26 -12.24 -10.22
N VAL B 211 -12.07 -11.22 -11.01
CA VAL B 211 -13.02 -10.15 -11.15
C VAL B 211 -14.00 -10.45 -12.32
N ALA B 212 -13.45 -10.83 -13.49
CA ALA B 212 -14.21 -11.08 -14.73
C ALA B 212 -15.43 -11.99 -14.55
N SER B 213 -15.30 -12.97 -13.68
CA SER B 213 -16.39 -13.87 -13.38
C SER B 213 -17.68 -13.12 -12.99
N HIS B 214 -17.62 -11.85 -12.56
CA HIS B 214 -18.84 -11.09 -12.25
C HIS B 214 -19.73 -10.93 -13.47
N THR B 215 -19.08 -10.72 -14.62
CA THR B 215 -19.69 -10.35 -15.89
C THR B 215 -19.53 -11.43 -16.97
N ASN B 216 -18.57 -12.33 -16.84
CA ASN B 216 -18.24 -13.25 -17.90
C ASN B 216 -18.05 -14.62 -17.37
N GLY B 217 -18.71 -14.91 -16.26
CA GLY B 217 -18.64 -16.26 -15.76
C GLY B 217 -18.86 -17.36 -16.78
N ASP B 218 -19.75 -17.18 -17.72
CA ASP B 218 -20.15 -18.31 -18.55
C ASP B 218 -19.05 -18.80 -19.48
N GLU B 219 -18.42 -17.85 -20.18
CA GLU B 219 -17.36 -18.14 -21.10
C GLU B 219 -16.12 -18.62 -20.33
N MET B 220 -15.88 -18.11 -19.10
CA MET B 220 -14.81 -18.65 -18.26
C MET B 220 -15.09 -20.13 -17.93
N HIS B 221 -16.34 -20.44 -17.60
CA HIS B 221 -16.77 -21.80 -17.37
C HIS B 221 -16.56 -22.71 -18.57
N GLU B 222 -16.89 -22.18 -19.76
CA GLU B 222 -16.76 -22.91 -21.04
C GLU B 222 -15.32 -23.20 -21.35
N MET B 223 -14.44 -22.22 -21.08
CA MET B 223 -13.00 -22.41 -21.28
C MET B 223 -12.38 -23.46 -20.35
N PHE B 224 -12.70 -23.36 -19.05
CA PHE B 224 -12.18 -24.29 -18.04
C PHE B 224 -12.68 -25.71 -18.35
N THR B 225 -13.94 -25.79 -18.78
CA THR B 225 -14.55 -27.07 -19.25
C THR B 225 -13.90 -27.60 -20.50
N ALA B 226 -13.75 -26.74 -21.51
CA ALA B 226 -12.95 -27.14 -22.69
C ALA B 226 -11.58 -27.67 -22.27
N ILE B 227 -10.88 -26.95 -21.35
CA ILE B 227 -9.55 -27.32 -20.87
C ILE B 227 -9.52 -28.68 -20.20
N ALA B 228 -10.48 -28.91 -19.30
CA ALA B 228 -10.52 -30.16 -18.54
C ALA B 228 -11.10 -31.31 -19.39
N GLU B 229 -11.73 -31.00 -20.52
CA GLU B 229 -12.30 -32.01 -21.45
C GLU B 229 -11.34 -32.21 -22.61
N SER B 230 -10.15 -31.61 -22.49
CA SER B 230 -9.08 -31.72 -23.48
C SER B 230 -9.62 -31.32 -24.84
N ASP B 231 -10.34 -30.19 -24.86
CA ASP B 231 -10.73 -29.54 -26.09
C ASP B 231 -10.00 -28.19 -26.24
N MET B 232 -8.71 -28.25 -26.55
CA MET B 232 -7.85 -27.09 -26.62
C MET B 232 -8.22 -26.00 -27.65
N LYS B 233 -8.75 -26.40 -28.83
CA LYS B 233 -8.94 -25.45 -29.91
C LYS B 233 -10.04 -24.56 -29.39
N LYS B 234 -10.92 -25.18 -28.62
CA LYS B 234 -12.06 -24.44 -28.19
C LYS B 234 -11.64 -23.61 -26.97
N ALA B 235 -10.91 -24.21 -26.05
CA ALA B 235 -10.37 -23.39 -24.92
C ALA B 235 -9.67 -22.11 -25.40
N ALA B 236 -8.93 -22.23 -26.50
CA ALA B 236 -7.99 -21.14 -26.91
C ALA B 236 -8.77 -20.14 -27.71
N ALA B 237 -9.81 -20.59 -28.49
CA ALA B 237 -10.71 -19.68 -29.16
C ALA B 237 -11.33 -18.81 -28.09
N ILE B 238 -11.67 -19.38 -26.94
CA ILE B 238 -12.35 -18.60 -25.93
C ILE B 238 -11.37 -17.56 -25.31
N GLN B 239 -10.22 -18.06 -24.89
CA GLN B 239 -9.09 -17.22 -24.39
C GLN B 239 -8.70 -16.05 -25.29
N ARG B 240 -8.51 -16.32 -26.59
CA ARG B 240 -8.16 -15.24 -27.54
C ARG B 240 -9.16 -14.13 -27.60
N LYS B 241 -10.45 -14.44 -27.51
CA LYS B 241 -11.47 -13.38 -27.44
C LYS B 241 -11.77 -12.80 -26.07
N PHE B 242 -11.36 -13.49 -25.03
CA PHE B 242 -11.55 -13.04 -23.66
C PHE B 242 -10.53 -11.95 -23.19
N ILE B 243 -9.31 -12.06 -23.69
CA ILE B 243 -8.22 -11.11 -23.41
C ILE B 243 -8.62 -9.62 -23.48
N PRO B 244 -9.24 -9.16 -24.62
CA PRO B 244 -9.68 -7.79 -24.66
C PRO B 244 -10.76 -7.44 -23.66
N LYS B 245 -11.53 -8.40 -23.19
CA LYS B 245 -12.58 -8.09 -22.28
C LYS B 245 -12.00 -7.88 -20.87
N VAL B 246 -11.10 -8.77 -20.47
CA VAL B 246 -10.26 -8.59 -19.29
C VAL B 246 -9.56 -7.21 -19.42
N ASN B 247 -8.83 -6.99 -20.52
CA ASN B 247 -8.21 -5.64 -20.79
C ASN B 247 -9.18 -4.50 -20.48
N ALA B 248 -10.40 -4.66 -21.00
CA ALA B 248 -11.38 -3.54 -20.86
C ALA B 248 -11.78 -3.40 -19.42
N LEU B 249 -11.93 -4.55 -18.79
CA LEU B 249 -12.25 -4.54 -17.36
C LEU B 249 -11.21 -3.82 -16.46
N PHE B 250 -9.97 -3.85 -16.91
CA PHE B 250 -8.92 -3.22 -16.13
C PHE B 250 -8.40 -1.94 -16.76
N SER B 251 -9.21 -1.37 -17.68
CA SER B 251 -8.81 -0.16 -18.47
C SER B 251 -9.04 1.18 -17.75
N TYR B 252 -9.68 1.18 -16.62
CA TYR B 252 -9.74 2.31 -15.73
C TYR B 252 -9.61 1.55 -14.46
N PRO B 253 -9.16 2.19 -13.37
CA PRO B 253 -8.73 1.29 -12.32
C PRO B 253 -9.82 0.43 -11.65
N SER B 254 -9.64 -0.87 -11.60
CA SER B 254 -10.62 -1.71 -10.98
C SER B 254 -10.95 -1.34 -9.45
N PRO B 255 -12.23 -1.34 -9.08
CA PRO B 255 -13.33 -1.94 -9.81
C PRO B 255 -14.26 -1.00 -10.58
N ALA B 256 -13.85 0.22 -10.93
CA ALA B 256 -14.65 1.06 -11.82
C ALA B 256 -15.30 0.32 -13.03
N PRO B 257 -14.52 -0.36 -13.88
CA PRO B 257 -15.08 -0.89 -15.13
C PRO B 257 -16.13 -1.98 -14.81
N VAL B 258 -15.83 -2.84 -13.84
CA VAL B 258 -16.76 -3.92 -13.46
C VAL B 258 -18.09 -3.36 -12.83
N LYS B 259 -18.00 -2.30 -12.04
CA LYS B 259 -19.24 -1.71 -11.51
C LYS B 259 -20.07 -1.08 -12.65
N ALA B 260 -19.40 -0.45 -13.62
CA ALA B 260 -20.07 0.20 -14.75
C ALA B 260 -20.82 -0.82 -15.63
N ILE B 261 -20.25 -2.00 -15.74
CA ILE B 261 -20.93 -3.03 -16.45
C ILE B 261 -22.05 -3.54 -15.55
N LEU B 262 -21.76 -3.84 -14.29
CA LEU B 262 -22.82 -4.35 -13.42
C LEU B 262 -24.02 -3.38 -13.32
N ASN B 263 -23.72 -2.09 -13.25
CA ASN B 263 -24.79 -1.09 -13.23
C ASN B 263 -25.67 -1.23 -14.47
N TYR B 264 -25.03 -1.23 -15.66
CA TYR B 264 -25.69 -1.49 -16.92
C TYR B 264 -26.53 -2.79 -16.98
N MET B 265 -26.16 -3.79 -16.21
CA MET B 265 -26.95 -5.02 -16.20
C MET B 265 -28.05 -5.01 -15.16
N GLY B 266 -28.19 -3.90 -14.43
CA GLY B 266 -29.37 -3.71 -13.57
C GLY B 266 -29.06 -3.90 -12.12
N PHE B 267 -27.81 -4.19 -11.81
CA PHE B 267 -27.47 -4.68 -10.48
C PHE B 267 -27.20 -3.66 -9.40
N GLU B 268 -27.22 -2.38 -9.74
CA GLU B 268 -26.96 -1.31 -8.76
C GLU B 268 -25.60 -1.47 -7.98
N ALA B 269 -24.50 -1.58 -8.74
CA ALA B 269 -23.20 -1.75 -8.08
C ALA B 269 -22.81 -0.41 -7.46
N GLY B 270 -23.24 0.67 -8.11
CA GLY B 270 -23.09 2.00 -7.55
C GLY B 270 -21.77 2.61 -7.94
N PRO B 271 -21.35 3.65 -7.23
CA PRO B 271 -20.07 4.08 -7.67
C PRO B 271 -18.96 3.43 -6.81
N THR B 272 -17.71 3.94 -6.97
CA THR B 272 -16.58 3.61 -6.09
C THR B 272 -16.34 4.63 -4.97
N ARG B 273 -15.84 4.17 -3.82
CA ARG B 273 -15.35 5.08 -2.80
C ARG B 273 -13.96 5.65 -3.09
N LEU B 274 -13.86 6.98 -3.00
CA LEU B 274 -12.56 7.73 -3.10
C LEU B 274 -11.46 6.99 -2.22
N PRO B 275 -10.22 6.83 -2.75
CA PRO B 275 -9.65 7.58 -3.85
C PRO B 275 -10.00 7.09 -5.26
N LEU B 276 -10.85 6.07 -5.42
CA LEU B 276 -11.19 5.57 -6.76
C LEU B 276 -12.40 6.26 -7.29
N VAL B 277 -12.41 6.63 -8.55
CA VAL B 277 -13.59 7.30 -9.16
C VAL B 277 -14.16 6.40 -10.21
N PRO B 278 -15.47 6.57 -10.51
CA PRO B 278 -16.06 5.67 -11.50
C PRO B 278 -15.41 5.85 -12.85
N ALA B 279 -15.59 4.86 -13.73
CA ALA B 279 -15.13 5.03 -15.11
C ALA B 279 -15.71 6.27 -15.82
N PRO B 280 -14.88 7.08 -16.53
CA PRO B 280 -15.48 8.18 -17.31
C PRO B 280 -16.48 7.74 -18.40
N GLU B 281 -17.40 8.64 -18.74
CA GLU B 281 -18.53 8.36 -19.65
C GLU B 281 -18.14 7.69 -20.98
N GLU B 282 -17.23 8.32 -21.73
CA GLU B 282 -16.77 7.88 -23.05
C GLU B 282 -16.16 6.51 -22.91
N ASP B 283 -15.59 6.28 -21.74
CA ASP B 283 -15.02 4.98 -21.51
C ASP B 283 -16.05 3.92 -21.16
N VAL B 284 -17.17 4.34 -20.54
CA VAL B 284 -18.13 3.35 -20.05
C VAL B 284 -18.70 2.58 -21.23
N LYS B 285 -18.85 3.30 -22.34
CA LYS B 285 -19.53 2.79 -23.52
C LYS B 285 -18.65 1.78 -24.24
N ARG B 286 -17.41 2.20 -24.53
CA ARG B 286 -16.32 1.29 -24.93
C ARG B 286 -16.37 0.02 -24.09
N ILE B 287 -16.38 0.16 -22.75
CA ILE B 287 -16.23 -0.98 -21.87
C ILE B 287 -17.41 -1.99 -21.97
N ILE B 288 -18.62 -1.47 -21.94
CA ILE B 288 -19.80 -2.34 -22.11
C ILE B 288 -19.78 -3.04 -23.46
N LYS B 289 -19.37 -2.30 -24.47
CA LYS B 289 -19.48 -2.85 -25.82
C LYS B 289 -18.50 -4.02 -25.89
N VAL B 290 -17.29 -3.80 -25.38
CA VAL B 290 -16.22 -4.83 -25.41
C VAL B 290 -16.47 -6.02 -24.46
N VAL B 291 -16.91 -5.73 -23.25
CA VAL B 291 -16.99 -6.80 -22.29
C VAL B 291 -18.26 -7.69 -22.37
N VAL B 292 -19.43 -7.05 -22.51
CA VAL B 292 -20.70 -7.78 -22.58
C VAL B 292 -21.45 -7.63 -23.92
N ASP B 293 -20.86 -6.87 -24.86
CA ASP B 293 -21.59 -6.49 -26.07
C ASP B 293 -22.89 -5.74 -25.78
N GLY B 294 -22.85 -4.79 -24.86
CA GLY B 294 -24.05 -4.03 -24.50
C GLY B 294 -24.10 -2.75 -25.28
N ASP B 295 -25.26 -2.14 -25.31
CA ASP B 295 -25.43 -0.85 -25.97
C ASP B 295 -25.72 0.17 -24.91
N TYR B 296 -24.70 0.96 -24.57
CA TYR B 296 -24.88 1.94 -23.54
C TYR B 296 -25.05 3.32 -24.18
N GLU B 297 -25.86 4.16 -23.54
CA GLU B 297 -26.06 5.57 -23.92
C GLU B 297 -25.70 5.91 -25.37
N THR B 302 -18.08 15.29 -15.63
CA THR B 302 -17.08 14.39 -15.01
C THR B 302 -17.59 13.57 -13.83
N VAL B 303 -16.74 12.64 -13.46
CA VAL B 303 -17.10 11.45 -12.75
C VAL B 303 -16.87 11.71 -11.26
N THR B 304 -17.63 11.04 -10.39
CA THR B 304 -17.64 11.45 -8.99
C THR B 304 -17.49 10.26 -8.07
N GLY B 305 -16.38 10.20 -7.35
CA GLY B 305 -16.17 9.13 -6.37
C GLY B 305 -16.82 9.59 -5.08
N VAL B 306 -17.17 8.68 -4.17
CA VAL B 306 -18.02 9.07 -3.08
C VAL B 306 -17.27 8.80 -1.77
N LEU B 307 -17.76 9.38 -0.68
CA LEU B 307 -17.22 9.10 0.67
C LEU B 307 -18.27 8.38 1.52
N ARG B 308 -17.81 7.43 2.32
CA ARG B 308 -18.55 6.80 3.40
C ARG B 308 -19.19 7.92 4.27
N PRO B 309 -20.46 7.76 4.66
CA PRO B 309 -20.97 8.76 5.64
C PRO B 309 -20.16 8.94 6.93
N ASP B 310 -19.88 10.20 7.26
CA ASP B 310 -19.17 10.57 8.50
C ASP B 310 -20.15 10.83 9.65
N TYR B 311 -21.39 10.39 9.48
CA TYR B 311 -22.42 10.51 10.50
C TYR B 311 -23.01 9.10 10.71
#